data_6UN3
#
_entry.id   6UN3
#
_cell.length_a   68.790
_cell.length_b   83.260
_cell.length_c   89.220
_cell.angle_alpha   90.000
_cell.angle_beta   90.000
_cell.angle_gamma   90.000
#
_symmetry.space_group_name_H-M   'P 21 21 21'
#
loop_
_entity.id
_entity.type
_entity.pdbx_description
1 polymer 'Peptidoglycan D,D-transpeptidase FtsI'
2 non-polymer GLYCEROL
3 non-polymer '(2R,4S)-2-[(1R)-1-{[(2R)-2-carboxy-2-(thiophen-3-yl)acetyl]amino}-2-oxoethyl]-5,5-dimethyl-1,3-thiazolidine-4-carboxylic acid'
4 non-polymer 'CALCIUM ION'
5 water water
#
_entity_poly.entity_id   1
_entity_poly.type   'polypeptide(L)'
_entity_poly.pdbx_seq_one_letter_code
;GHMARSVRHIAIPAHRGLITDRNGEPLAVSTPVTTLWANPKELMTAKERWPQLAAALGQDTKLFADRIEQNAEREFIYLV
RGLTPEQGEGVIALKVPGVYSIEEFRRFYPAGEVVAHAVGFTDVDDRGREGIELAFDEWLAGVPGKRQVLKDRRGRVIKD
VQVTKNAKPGKTLALSIDLRLQYLAHRELRNALLENGAKAGSLVIMDVKTGEILAMTNQPTYNPNNRRNLQPAAMRNRAM
IDVFEPGSTVKPFSMSAALASGRWKPSDIVDVYPGTLQIGRYTIRDVSRNSRQLDLTGILIKSSNVGISKIAFDIGAESI
YSVMQQVGLGQDTGLGFPGERVGNLPNHRKWPKAETATLAYGYGLSVTAIQLAHAYAALANDGKSVPLSMTRVDRVPDGV
QVISPEVASTVQGMLQQVVEAQGGVFRAQVPGYHAAGKSGTARKVSVGTKGYRENAYRSLFAGFAPATDPRIAMVVVIDE
PSKAGYFGGLVSAPVFSKVMAGALRLMNVPPDNLPTATEQQQVNAAPAKGGRG
;
_entity_poly.pdbx_strand_id   A
#
loop_
_chem_comp.id
_chem_comp.type
_chem_comp.name
_chem_comp.formula
CA non-polymer 'CALCIUM ION' 'Ca 2'
GOL non-polymer GLYCEROL 'C3 H8 O3'
XT8 non-polymer '(2R,4S)-2-[(1R)-1-{[(2R)-2-carboxy-2-(thiophen-3-yl)acetyl]amino}-2-oxoethyl]-5,5-dimethyl-1,3-thiazolidine-4-carboxylic acid' 'C15 H18 N2 O6 S2'
#
# COMPACT_ATOMS: atom_id res chain seq x y z
N ALA A 4 -6.96 12.53 -52.99
CA ALA A 4 -5.75 12.87 -53.80
C ALA A 4 -4.59 13.25 -52.89
N ARG A 5 -4.83 14.24 -52.02
CA ARG A 5 -3.85 14.87 -51.12
C ARG A 5 -4.63 15.39 -49.91
N SER A 6 -4.51 14.76 -48.73
CA SER A 6 -5.11 15.28 -47.47
C SER A 6 -4.07 15.33 -46.36
N VAL A 7 -3.89 16.54 -45.81
CA VAL A 7 -3.16 16.84 -44.55
C VAL A 7 -3.90 16.13 -43.42
N ARG A 8 -3.19 15.33 -42.62
CA ARG A 8 -3.75 14.73 -41.38
C ARG A 8 -2.69 14.82 -40.28
N HIS A 9 -3.07 14.43 -39.05
CA HIS A 9 -2.26 14.65 -37.81
C HIS A 9 -2.10 13.31 -37.04
N ILE A 10 -0.85 12.96 -36.70
CA ILE A 10 -0.46 11.73 -35.93
C ILE A 10 0.13 12.16 -34.57
N ALA A 11 -0.16 11.38 -33.51
CA ALA A 11 0.20 11.71 -32.10
C ALA A 11 1.64 11.25 -31.77
N ILE A 12 2.53 12.17 -31.34
CA ILE A 12 3.94 11.87 -30.88
C ILE A 12 3.93 11.46 -29.39
N PRO A 13 3.86 10.16 -29.03
CA PRO A 13 3.63 9.76 -27.63
C PRO A 13 4.80 10.18 -26.69
N ALA A 14 4.47 10.71 -25.50
CA ALA A 14 5.45 11.34 -24.57
C ALA A 14 6.11 10.29 -23.68
N HIS A 15 7.37 10.52 -23.31
CA HIS A 15 8.10 9.86 -22.21
C HIS A 15 7.30 10.06 -20.91
N ARG A 16 7.04 8.97 -20.18
CA ARG A 16 6.44 8.97 -18.82
C ARG A 16 7.56 9.22 -17.79
N GLY A 17 7.27 10.02 -16.75
CA GLY A 17 8.24 10.42 -15.70
C GLY A 17 8.86 9.24 -14.96
N LEU A 18 10.18 9.30 -14.71
CA LEU A 18 10.95 8.39 -13.82
C LEU A 18 10.35 8.45 -12.42
N ILE A 19 9.96 7.32 -11.86
CA ILE A 19 9.70 7.18 -10.40
C ILE A 19 11.01 6.67 -9.76
N THR A 20 11.42 7.29 -8.65
CA THR A 20 12.56 6.81 -7.84
C THR A 20 12.08 6.53 -6.41
N ASP A 21 12.90 5.83 -5.64
CA ASP A 21 12.72 5.77 -4.16
C ASP A 21 13.25 7.11 -3.64
N ARG A 22 13.10 7.36 -2.33
CA ARG A 22 13.52 8.62 -1.68
C ARG A 22 15.01 8.95 -1.93
N ASN A 23 15.87 7.97 -2.20
CA ASN A 23 17.33 8.13 -2.45
C ASN A 23 17.69 8.03 -3.95
N GLY A 24 16.73 8.15 -4.87
CA GLY A 24 16.97 8.15 -6.33
C GLY A 24 17.10 6.77 -6.96
N GLU A 25 16.75 5.67 -6.26
CA GLU A 25 16.78 4.32 -6.89
C GLU A 25 15.61 4.24 -7.87
N PRO A 26 15.86 3.92 -9.17
CA PRO A 26 14.78 3.86 -10.16
C PRO A 26 13.77 2.78 -9.78
N LEU A 27 12.46 3.12 -9.83
CA LEU A 27 11.39 2.11 -9.52
C LEU A 27 10.48 1.82 -10.73
N ALA A 28 10.33 2.79 -11.62
CA ALA A 28 9.55 2.73 -12.88
C ALA A 28 10.22 3.62 -13.95
N VAL A 29 10.69 2.98 -15.02
CA VAL A 29 11.56 3.57 -16.06
C VAL A 29 10.89 3.30 -17.41
N SER A 30 10.67 4.36 -18.16
CA SER A 30 10.05 4.31 -19.50
C SER A 30 11.10 3.75 -20.45
N THR A 31 10.75 2.62 -21.12
CA THR A 31 11.65 1.89 -22.05
C THR A 31 11.13 1.99 -23.48
N PRO A 32 11.96 2.41 -24.46
CA PRO A 32 11.54 2.45 -25.87
C PRO A 32 11.06 1.08 -26.37
N VAL A 33 9.82 1.02 -26.88
CA VAL A 33 9.31 -0.15 -27.65
C VAL A 33 8.92 0.30 -29.07
N THR A 34 8.67 -0.65 -29.97
CA THR A 34 8.27 -0.42 -31.38
C THR A 34 6.94 -1.14 -31.64
N THR A 35 5.89 -0.37 -31.93
CA THR A 35 4.59 -0.85 -32.43
C THR A 35 4.66 -0.86 -33.96
N LEU A 36 4.41 -1.99 -34.61
CA LEU A 36 4.39 -2.08 -36.09
C LEU A 36 2.94 -1.95 -36.53
N TRP A 37 2.71 -1.08 -37.50
CA TRP A 37 1.37 -0.89 -38.10
C TRP A 37 1.51 -1.14 -39.61
N ALA A 38 0.43 -1.58 -40.25
CA ALA A 38 0.42 -1.81 -41.70
C ALA A 38 -0.76 -1.06 -42.29
N ASN A 39 -0.55 -0.49 -43.48
CA ASN A 39 -1.59 0.09 -44.35
C ASN A 39 -2.14 -1.03 -45.24
N PRO A 40 -3.34 -1.60 -44.97
CA PRO A 40 -3.81 -2.80 -45.68
C PRO A 40 -3.98 -2.60 -47.21
N LYS A 41 -4.60 -1.51 -47.63
CA LYS A 41 -4.82 -1.16 -49.06
C LYS A 41 -3.44 -1.10 -49.76
N GLU A 42 -2.37 -0.75 -49.03
CA GLU A 42 -0.95 -0.78 -49.51
C GLU A 42 -0.38 -2.21 -49.51
N LEU A 43 -0.44 -2.92 -48.37
CA LEU A 43 -0.05 -4.35 -48.26
C LEU A 43 -0.55 -5.13 -49.48
N MET A 44 -1.77 -4.81 -49.93
CA MET A 44 -2.53 -5.56 -50.96
C MET A 44 -1.86 -5.49 -52.34
N THR A 45 -0.75 -4.74 -52.53
CA THR A 45 0.04 -4.71 -53.79
C THR A 45 1.43 -5.33 -53.64
N ALA A 46 1.69 -6.04 -52.53
CA ALA A 46 2.97 -6.75 -52.25
C ALA A 46 2.69 -8.12 -51.65
N LYS A 47 1.61 -8.78 -52.09
CA LYS A 47 1.12 -10.05 -51.47
C LYS A 47 2.23 -11.12 -51.41
N GLU A 48 3.22 -11.10 -52.32
CA GLU A 48 4.30 -12.12 -52.32
C GLU A 48 5.22 -11.92 -51.09
N ARG A 49 5.12 -10.79 -50.39
CA ARG A 49 5.91 -10.55 -49.14
C ARG A 49 5.21 -11.09 -47.87
N TRP A 50 3.89 -11.24 -47.90
CA TRP A 50 3.05 -11.57 -46.72
C TRP A 50 3.56 -12.79 -45.98
N PRO A 51 3.90 -13.93 -46.65
CA PRO A 51 4.35 -15.11 -45.92
C PRO A 51 5.60 -14.81 -45.07
N GLN A 52 6.59 -14.12 -45.61
CA GLN A 52 7.83 -13.70 -44.91
C GLN A 52 7.48 -12.84 -43.68
N LEU A 53 6.51 -11.92 -43.81
CA LEU A 53 6.02 -11.04 -42.72
C LEU A 53 5.28 -11.88 -41.66
N ALA A 54 4.28 -12.67 -42.09
CA ALA A 54 3.49 -13.54 -41.18
C ALA A 54 4.46 -14.32 -40.28
N ALA A 55 5.50 -14.94 -40.88
CA ALA A 55 6.49 -15.83 -40.22
C ALA A 55 7.38 -15.05 -39.25
N ALA A 56 7.67 -13.79 -39.59
CA ALA A 56 8.50 -12.87 -38.80
C ALA A 56 7.68 -12.42 -37.58
N LEU A 57 6.36 -12.26 -37.73
CA LEU A 57 5.40 -11.88 -36.64
C LEU A 57 4.91 -13.14 -35.90
N GLY A 58 5.45 -14.31 -36.24
CA GLY A 58 5.08 -15.62 -35.64
C GLY A 58 3.64 -15.99 -35.91
N GLN A 59 3.12 -15.65 -37.09
CA GLN A 59 1.69 -15.86 -37.46
C GLN A 59 1.58 -16.96 -38.52
N ASP A 60 0.52 -17.76 -38.44
CA ASP A 60 0.13 -18.74 -39.50
C ASP A 60 -0.13 -17.93 -40.77
N THR A 61 0.33 -18.43 -41.93
CA THR A 61 0.30 -17.72 -43.22
C THR A 61 -1.15 -17.40 -43.65
N LYS A 62 -2.08 -18.32 -43.51
CA LYS A 62 -3.47 -18.11 -44.04
C LYS A 62 -4.21 -17.19 -43.09
N LEU A 63 -3.99 -17.36 -41.78
CA LEU A 63 -4.62 -16.46 -40.77
C LEU A 63 -4.16 -15.01 -41.04
N PHE A 64 -2.86 -14.82 -41.27
CA PHE A 64 -2.28 -13.50 -41.62
C PHE A 64 -2.92 -12.94 -42.90
N ALA A 65 -3.03 -13.74 -43.95
CA ALA A 65 -3.56 -13.30 -45.28
C ALA A 65 -5.06 -12.96 -45.19
N ASP A 66 -5.85 -13.81 -44.52
CA ASP A 66 -7.31 -13.52 -44.30
C ASP A 66 -7.45 -12.17 -43.59
N ARG A 67 -6.60 -11.90 -42.61
CA ARG A 67 -6.60 -10.64 -41.84
C ARG A 67 -6.47 -9.44 -42.80
N ILE A 68 -5.39 -9.38 -43.57
CA ILE A 68 -5.17 -8.31 -44.59
C ILE A 68 -6.39 -8.26 -45.52
N GLU A 69 -6.77 -9.40 -46.11
CA GLU A 69 -7.87 -9.48 -47.12
C GLU A 69 -9.20 -8.99 -46.52
N GLN A 70 -9.43 -9.22 -45.22
CA GLN A 70 -10.63 -8.78 -44.46
C GLN A 70 -10.66 -7.26 -44.40
N ASN A 71 -9.58 -6.66 -43.88
CA ASN A 71 -9.41 -5.20 -43.64
C ASN A 71 -8.73 -4.53 -44.84
N ALA A 72 -9.00 -5.00 -46.07
CA ALA A 72 -8.40 -4.48 -47.33
C ALA A 72 -8.83 -3.03 -47.53
N GLU A 73 -10.04 -2.70 -47.11
CA GLU A 73 -10.66 -1.36 -47.30
C GLU A 73 -10.13 -0.37 -46.27
N ARG A 74 -9.56 -0.85 -45.17
CA ARG A 74 -9.00 0.00 -44.08
C ARG A 74 -7.65 0.57 -44.50
N GLU A 75 -7.11 1.52 -43.73
CA GLU A 75 -5.79 2.15 -44.05
C GLU A 75 -4.86 2.05 -42.84
N PHE A 76 -5.38 1.52 -41.74
CA PHE A 76 -4.61 1.31 -40.49
C PHE A 76 -5.12 0.04 -39.77
N ILE A 77 -4.20 -0.90 -39.56
CA ILE A 77 -4.33 -2.05 -38.63
C ILE A 77 -3.02 -2.12 -37.86
N TYR A 78 -3.09 -2.49 -36.58
CA TYR A 78 -1.91 -2.83 -35.75
C TYR A 78 -1.45 -4.22 -36.21
N LEU A 79 -0.15 -4.46 -36.35
CA LEU A 79 0.38 -5.84 -36.52
C LEU A 79 0.70 -6.40 -35.13
N VAL A 80 1.34 -5.59 -34.30
CA VAL A 80 1.78 -5.96 -32.94
C VAL A 80 2.08 -4.66 -32.20
N ARG A 81 1.67 -4.55 -30.93
CA ARG A 81 2.04 -3.37 -30.09
C ARG A 81 3.19 -3.80 -29.19
N GLY A 82 4.22 -2.94 -29.09
CA GLY A 82 5.16 -2.92 -27.96
C GLY A 82 6.25 -3.98 -28.04
N LEU A 83 6.65 -4.37 -29.24
CA LEU A 83 7.90 -5.17 -29.45
C LEU A 83 9.11 -4.38 -28.92
N THR A 84 10.19 -5.06 -28.56
CA THR A 84 11.52 -4.44 -28.35
C THR A 84 11.98 -3.85 -29.67
N PRO A 85 12.82 -2.76 -29.67
CA PRO A 85 13.36 -2.24 -30.93
C PRO A 85 14.07 -3.32 -31.79
N GLU A 86 14.76 -4.28 -31.17
CA GLU A 86 15.59 -5.27 -31.91
C GLU A 86 14.70 -6.26 -32.69
N GLN A 87 13.39 -6.29 -32.44
CA GLN A 87 12.47 -7.25 -33.12
C GLN A 87 11.48 -6.49 -34.01
N GLY A 88 11.14 -5.24 -33.64
CA GLY A 88 10.49 -4.26 -34.54
C GLY A 88 11.35 -3.99 -35.77
N GLU A 89 12.65 -3.77 -35.55
CA GLU A 89 13.66 -3.44 -36.59
C GLU A 89 13.86 -4.65 -37.52
N GLY A 90 13.99 -5.86 -36.95
CA GLY A 90 14.12 -7.12 -37.71
C GLY A 90 12.95 -7.30 -38.68
N VAL A 91 11.73 -6.91 -38.30
CA VAL A 91 10.52 -6.96 -39.18
C VAL A 91 10.64 -5.84 -40.24
N ILE A 92 10.95 -4.62 -39.81
CA ILE A 92 11.15 -3.45 -40.74
C ILE A 92 12.17 -3.81 -41.83
N ALA A 93 13.17 -4.67 -41.51
CA ALA A 93 14.31 -5.03 -42.37
C ALA A 93 13.87 -5.82 -43.62
N LEU A 94 12.71 -6.49 -43.58
CA LEU A 94 12.10 -7.22 -44.71
C LEU A 94 11.61 -6.23 -45.78
N LYS A 95 11.46 -4.95 -45.45
CA LYS A 95 11.12 -3.87 -46.41
C LYS A 95 9.77 -4.18 -47.08
N VAL A 96 8.77 -4.60 -46.32
CA VAL A 96 7.41 -4.88 -46.89
C VAL A 96 6.70 -3.56 -47.14
N PRO A 97 6.38 -3.23 -48.40
CA PRO A 97 5.58 -2.04 -48.72
C PRO A 97 4.34 -1.89 -47.79
N GLY A 98 4.30 -0.76 -47.08
CA GLY A 98 3.12 -0.41 -46.26
C GLY A 98 3.22 -0.87 -44.81
N VAL A 99 4.41 -1.24 -44.35
CA VAL A 99 4.68 -1.60 -42.93
C VAL A 99 5.45 -0.42 -42.32
N TYR A 100 4.84 0.27 -41.34
CA TYR A 100 5.38 1.48 -40.67
C TYR A 100 5.52 1.20 -39.16
N SER A 101 6.47 1.90 -38.53
CA SER A 101 6.87 1.70 -37.10
C SER A 101 6.66 3.01 -36.33
N ILE A 102 6.37 2.86 -35.04
CA ILE A 102 6.12 3.96 -34.05
C ILE A 102 7.00 3.66 -32.85
N GLU A 103 7.92 4.58 -32.50
CA GLU A 103 8.68 4.52 -31.24
C GLU A 103 7.69 4.88 -30.12
N GLU A 104 7.31 3.88 -29.30
CA GLU A 104 6.43 4.04 -28.12
C GLU A 104 7.26 3.93 -26.84
N PHE A 105 6.60 3.87 -25.69
CA PHE A 105 7.19 3.61 -24.36
C PHE A 105 6.37 2.60 -23.58
N ARG A 106 7.11 1.73 -22.91
CA ARG A 106 6.57 0.71 -21.98
C ARG A 106 7.39 0.76 -20.70
N ARG A 107 6.73 0.57 -19.58
CA ARG A 107 7.40 0.70 -18.26
C ARG A 107 8.20 -0.56 -17.96
N PHE A 108 9.38 -0.39 -17.39
CA PHE A 108 10.15 -1.43 -16.68
C PHE A 108 10.27 -1.04 -15.20
N TYR A 109 10.11 -2.04 -14.31
CA TYR A 109 10.11 -1.95 -12.83
C TYR A 109 11.29 -2.75 -12.30
N PRO A 110 12.48 -2.12 -12.16
CA PRO A 110 13.68 -2.82 -11.70
C PRO A 110 13.57 -3.62 -10.40
N ALA A 111 12.68 -3.23 -9.49
CA ALA A 111 12.47 -3.91 -8.20
C ALA A 111 11.31 -4.90 -8.27
N GLY A 112 10.63 -4.97 -9.41
CA GLY A 112 9.51 -5.89 -9.64
C GLY A 112 8.53 -6.07 -8.50
N GLU A 113 8.39 -7.30 -8.02
CA GLU A 113 7.35 -7.69 -7.03
C GLU A 113 7.56 -7.05 -5.66
N VAL A 114 8.76 -6.55 -5.39
CA VAL A 114 9.15 -6.02 -4.05
C VAL A 114 8.31 -4.75 -3.76
N VAL A 115 8.02 -3.94 -4.77
CA VAL A 115 7.30 -2.64 -4.56
C VAL A 115 6.17 -2.47 -5.58
N ALA A 116 5.57 -3.57 -6.06
CA ALA A 116 4.54 -3.57 -7.14
C ALA A 116 3.30 -2.80 -6.70
N HIS A 117 2.75 -3.11 -5.53
CA HIS A 117 1.48 -2.49 -5.06
C HIS A 117 1.64 -0.97 -4.92
N ALA A 118 2.76 -0.50 -4.36
CA ALA A 118 3.01 0.93 -4.10
C ALA A 118 3.27 1.66 -5.42
N VAL A 119 4.18 1.14 -6.26
CA VAL A 119 4.52 1.82 -7.54
C VAL A 119 3.33 1.67 -8.50
N GLY A 120 2.68 0.49 -8.53
CA GLY A 120 1.55 0.19 -9.42
C GLY A 120 1.97 -0.30 -10.82
N PHE A 121 1.13 -0.06 -11.82
CA PHE A 121 1.09 -0.79 -13.12
C PHE A 121 0.50 0.18 -14.16
N THR A 122 0.94 0.11 -15.42
CA THR A 122 0.34 0.89 -16.53
C THR A 122 -0.44 -0.03 -17.47
N ASP A 123 -1.53 0.48 -18.07
CA ASP A 123 -2.42 -0.26 -19.00
C ASP A 123 -1.70 -0.34 -20.36
N VAL A 124 -2.39 -0.84 -21.38
CA VAL A 124 -1.89 -0.95 -22.79
C VAL A 124 -1.48 0.41 -23.38
N ASP A 125 -2.12 1.49 -22.99
CA ASP A 125 -1.86 2.86 -23.51
C ASP A 125 -0.83 3.60 -22.63
N ASP A 126 -0.24 2.90 -21.66
CA ASP A 126 0.85 3.42 -20.78
C ASP A 126 0.31 4.42 -19.75
N ARG A 127 -0.96 4.27 -19.38
CA ARG A 127 -1.64 5.13 -18.38
C ARG A 127 -1.74 4.40 -17.04
N GLY A 128 -1.76 5.14 -15.94
CA GLY A 128 -1.82 4.57 -14.58
C GLY A 128 -3.04 3.71 -14.42
N ARG A 129 -2.91 2.58 -13.73
CA ARG A 129 -3.97 1.55 -13.52
C ARG A 129 -4.06 1.18 -12.03
N GLU A 130 -2.95 1.35 -11.32
CA GLU A 130 -2.78 0.93 -9.90
C GLU A 130 -1.72 1.85 -9.25
N GLY A 131 -1.75 1.97 -7.92
CA GLY A 131 -0.74 2.66 -7.08
C GLY A 131 -0.27 4.02 -7.61
N ILE A 132 1.00 4.34 -7.40
CA ILE A 132 1.57 5.69 -7.70
C ILE A 132 1.40 6.01 -9.20
N GLU A 133 1.52 5.02 -10.11
CA GLU A 133 1.20 5.24 -11.56
C GLU A 133 -0.23 5.84 -11.74
N LEU A 134 -1.27 5.32 -11.05
CA LEU A 134 -2.67 5.85 -11.22
C LEU A 134 -2.84 7.18 -10.47
N ALA A 135 -2.22 7.31 -9.27
CA ALA A 135 -2.36 8.48 -8.35
C ALA A 135 -1.71 9.70 -8.98
N PHE A 136 -0.43 9.67 -9.40
CA PHE A 136 0.27 10.83 -10.01
C PHE A 136 0.30 10.73 -11.55
N ASP A 137 -0.76 10.13 -12.15
CA ASP A 137 -0.86 9.82 -13.60
C ASP A 137 -0.68 11.12 -14.38
N GLU A 138 -1.28 12.21 -13.88
CA GLU A 138 -1.26 13.53 -14.55
C GLU A 138 0.17 14.10 -14.47
N TRP A 139 0.88 13.93 -13.36
CA TRP A 139 2.28 14.41 -13.20
C TRP A 139 3.28 13.59 -14.05
N LEU A 140 3.07 12.29 -14.11
CA LEU A 140 3.98 11.32 -14.75
C LEU A 140 3.74 11.36 -16.28
N ALA A 141 2.47 11.47 -16.72
CA ALA A 141 2.00 11.24 -18.12
C ALA A 141 2.62 12.18 -19.15
N GLY A 142 3.02 13.41 -18.81
CA GLY A 142 3.42 14.41 -19.82
C GLY A 142 2.25 14.73 -20.74
N VAL A 143 2.46 15.17 -21.99
CA VAL A 143 1.31 15.36 -22.95
C VAL A 143 1.74 14.95 -24.35
N PRO A 144 0.85 14.26 -25.11
CA PRO A 144 1.19 13.77 -26.44
C PRO A 144 1.53 14.96 -27.35
N GLY A 145 2.55 14.78 -28.20
CA GLY A 145 2.83 15.71 -29.32
C GLY A 145 1.77 15.61 -30.41
N LYS A 146 2.04 16.18 -31.58
CA LYS A 146 1.07 16.27 -32.70
C LYS A 146 1.84 16.62 -33.96
N ARG A 147 1.67 15.82 -35.01
CA ARG A 147 2.48 15.91 -36.24
C ARG A 147 1.54 15.90 -37.43
N GLN A 148 1.72 16.86 -38.36
CA GLN A 148 1.03 16.92 -39.67
C GLN A 148 1.67 15.92 -40.62
N VAL A 149 0.85 15.17 -41.35
CA VAL A 149 1.31 14.19 -42.39
C VAL A 149 0.47 14.40 -43.66
N LEU A 150 1.13 14.55 -44.81
CA LEU A 150 0.47 14.59 -46.14
C LEU A 150 0.23 13.16 -46.59
N LYS A 151 -1.04 12.79 -46.79
CA LYS A 151 -1.50 11.40 -47.12
C LYS A 151 -2.10 11.36 -48.54
N ASP A 152 -1.78 10.30 -49.30
CA ASP A 152 -2.34 10.04 -50.65
C ASP A 152 -3.73 9.40 -50.48
N ARG A 153 -4.50 9.30 -51.57
CA ARG A 153 -5.93 8.85 -51.59
C ARG A 153 -6.05 7.35 -51.28
N ARG A 154 -4.94 6.65 -51.02
CA ARG A 154 -4.91 5.19 -50.71
C ARG A 154 -4.65 4.93 -49.21
N GLY A 155 -4.37 5.97 -48.43
CA GLY A 155 -3.99 5.88 -47.01
C GLY A 155 -2.48 5.83 -46.83
N ARG A 156 -1.72 6.07 -47.89
CA ARG A 156 -0.23 6.03 -47.85
C ARG A 156 0.28 7.39 -47.38
N VAL A 157 1.33 7.39 -46.56
CA VAL A 157 2.00 8.62 -46.05
C VAL A 157 2.80 9.22 -47.21
N ILE A 158 2.31 10.33 -47.79
CA ILE A 158 2.99 11.06 -48.90
C ILE A 158 4.26 11.75 -48.35
N LYS A 159 4.26 12.21 -47.10
CA LYS A 159 5.35 13.08 -46.57
C LYS A 159 5.34 13.10 -45.03
N ASP A 160 6.44 13.66 -44.47
CA ASP A 160 6.61 14.11 -43.07
C ASP A 160 6.59 15.65 -43.07
N VAL A 161 5.45 16.29 -42.81
CA VAL A 161 5.25 17.76 -43.06
C VAL A 161 5.96 18.58 -41.96
N GLN A 162 5.26 18.90 -40.87
CA GLN A 162 5.85 19.71 -39.77
C GLN A 162 5.04 19.55 -38.49
N VAL A 163 5.69 19.08 -37.41
CA VAL A 163 5.09 18.91 -36.05
C VAL A 163 4.45 20.22 -35.60
N THR A 164 3.15 20.17 -35.29
CA THR A 164 2.35 21.35 -34.87
C THR A 164 2.56 21.59 -33.37
N LYS A 165 2.62 20.50 -32.61
CA LYS A 165 3.00 20.48 -31.16
C LYS A 165 4.20 19.55 -30.94
N ASN A 166 4.94 19.78 -29.86
CA ASN A 166 5.99 18.87 -29.33
C ASN A 166 5.38 17.95 -28.26
N ALA A 167 5.87 16.72 -28.19
CA ALA A 167 5.70 15.84 -27.01
C ALA A 167 6.27 16.61 -25.81
N LYS A 168 5.48 16.72 -24.74
CA LYS A 168 5.93 17.20 -23.40
C LYS A 168 6.14 15.98 -22.50
N PRO A 169 7.40 15.68 -22.10
CA PRO A 169 7.70 14.49 -21.29
C PRO A 169 7.22 14.71 -19.85
N GLY A 170 6.70 13.67 -19.19
CA GLY A 170 6.24 13.70 -17.79
C GLY A 170 7.40 13.93 -16.83
N LYS A 171 7.12 14.20 -15.56
CA LYS A 171 8.18 14.60 -14.58
C LYS A 171 8.56 13.45 -13.65
N THR A 172 9.82 13.44 -13.23
CA THR A 172 10.39 12.57 -12.15
C THR A 172 9.59 12.75 -10.85
N LEU A 173 9.38 11.64 -10.15
CA LEU A 173 8.69 11.57 -8.84
C LEU A 173 9.54 10.70 -7.89
N ALA A 174 10.03 11.28 -6.78
CA ALA A 174 10.74 10.54 -5.71
C ALA A 174 9.71 10.19 -4.62
N LEU A 175 9.50 8.90 -4.46
CA LEU A 175 8.61 8.29 -3.45
C LEU A 175 9.23 8.52 -2.07
N SER A 176 8.40 8.50 -1.05
CA SER A 176 8.84 8.49 0.38
C SER A 176 9.51 7.12 0.67
N ILE A 177 9.08 6.07 -0.06
CA ILE A 177 9.57 4.68 0.10
C ILE A 177 11.10 4.65 0.09
N ASP A 178 11.70 3.91 1.02
CA ASP A 178 13.15 3.62 1.04
C ASP A 178 13.36 2.19 0.55
N LEU A 179 13.90 2.00 -0.65
CA LEU A 179 13.96 0.64 -1.24
C LEU A 179 14.64 -0.32 -0.25
N ARG A 180 15.65 0.13 0.53
CA ARG A 180 16.40 -0.77 1.47
C ARG A 180 15.44 -1.31 2.55
N LEU A 181 14.57 -0.46 3.11
CA LEU A 181 13.53 -0.86 4.13
C LEU A 181 12.41 -1.65 3.48
N GLN A 182 12.03 -1.28 2.26
CA GLN A 182 10.96 -1.98 1.48
C GLN A 182 11.38 -3.43 1.26
N TYR A 183 12.63 -3.65 0.85
CA TYR A 183 13.17 -5.01 0.57
C TYR A 183 13.08 -5.85 1.85
N LEU A 184 13.61 -5.33 2.95
CA LEU A 184 13.51 -5.97 4.28
C LEU A 184 12.06 -6.29 4.64
N ALA A 185 11.14 -5.30 4.57
CA ALA A 185 9.70 -5.46 4.91
C ALA A 185 9.07 -6.57 4.01
N HIS A 186 9.33 -6.54 2.70
CA HIS A 186 8.91 -7.56 1.73
C HIS A 186 9.37 -8.97 2.16
N ARG A 187 10.66 -9.13 2.46
CA ARG A 187 11.30 -10.42 2.72
C ARG A 187 10.72 -11.02 4.00
N GLU A 188 10.63 -10.22 5.08
CA GLU A 188 10.22 -10.72 6.41
C GLU A 188 8.72 -11.03 6.40
N LEU A 189 7.92 -10.26 5.67
CA LEU A 189 6.46 -10.51 5.61
C LEU A 189 6.25 -11.79 4.78
N ARG A 190 7.05 -12.00 3.72
CA ARG A 190 6.95 -13.23 2.87
C ARG A 190 7.33 -14.43 3.74
N ASN A 191 8.48 -14.40 4.43
CA ASN A 191 8.91 -15.53 5.31
C ASN A 191 7.81 -15.88 6.33
N ALA A 192 7.21 -14.85 6.94
CA ALA A 192 6.14 -14.94 7.97
C ALA A 192 4.88 -15.59 7.36
N LEU A 193 4.51 -15.25 6.14
CA LEU A 193 3.32 -15.86 5.49
C LEU A 193 3.56 -17.36 5.33
N LEU A 194 4.69 -17.72 4.73
CA LEU A 194 4.98 -19.14 4.40
C LEU A 194 5.14 -19.92 5.71
N GLU A 195 5.87 -19.37 6.69
CA GLU A 195 6.08 -20.04 7.99
C GLU A 195 4.73 -20.31 8.68
N ASN A 196 3.79 -19.39 8.63
CA ASN A 196 2.49 -19.52 9.35
C ASN A 196 1.45 -20.18 8.42
N GLY A 197 1.76 -20.32 7.14
CA GLY A 197 0.81 -20.91 6.17
C GLY A 197 -0.42 -20.03 6.04
N ALA A 198 -0.23 -18.70 6.03
CA ALA A 198 -1.30 -17.68 5.99
C ALA A 198 -1.70 -17.37 4.55
N LYS A 199 -2.88 -16.77 4.39
CA LYS A 199 -3.53 -16.48 3.08
C LYS A 199 -3.04 -15.13 2.55
N ALA A 200 -2.88 -14.12 3.40
CA ALA A 200 -2.45 -12.76 2.98
C ALA A 200 -1.77 -12.08 4.15
N GLY A 201 -1.16 -10.92 3.90
CA GLY A 201 -0.56 -10.03 4.93
C GLY A 201 -0.29 -8.64 4.39
N SER A 202 -0.17 -7.63 5.25
CA SER A 202 0.30 -6.26 4.91
C SER A 202 1.27 -5.79 5.99
N LEU A 203 2.27 -4.98 5.62
CA LEU A 203 3.23 -4.36 6.58
C LEU A 203 3.50 -2.93 6.08
N VAL A 204 3.14 -1.92 6.88
CA VAL A 204 3.39 -0.48 6.60
C VAL A 204 4.46 0.02 7.61
N ILE A 205 5.52 0.69 7.12
CA ILE A 205 6.51 1.40 7.97
C ILE A 205 6.33 2.88 7.71
N MET A 206 6.14 3.70 8.76
CA MET A 206 5.98 5.18 8.65
C MET A 206 7.01 5.93 9.50
N ASP A 207 7.39 7.12 9.00
CA ASP A 207 8.23 8.11 9.70
C ASP A 207 7.28 8.94 10.55
N VAL A 208 7.41 8.86 11.87
CA VAL A 208 6.41 9.44 12.81
C VAL A 208 6.53 10.98 12.76
N LYS A 209 7.67 11.48 12.34
CA LYS A 209 7.97 12.93 12.34
C LYS A 209 7.54 13.62 11.04
N THR A 210 7.50 12.90 9.89
CA THR A 210 7.30 13.51 8.55
C THR A 210 6.00 13.06 7.88
N GLY A 211 5.37 11.99 8.36
CA GLY A 211 4.16 11.39 7.75
C GLY A 211 4.51 10.52 6.54
N GLU A 212 5.79 10.35 6.23
CA GLU A 212 6.27 9.54 5.09
C GLU A 212 6.05 8.03 5.28
N ILE A 213 5.48 7.40 4.27
CA ILE A 213 5.46 5.92 4.21
C ILE A 213 6.84 5.47 3.70
N LEU A 214 7.60 4.77 4.54
CA LEU A 214 8.99 4.34 4.24
C LEU A 214 8.97 2.96 3.58
N ALA A 215 7.99 2.15 3.92
CA ALA A 215 7.72 0.86 3.26
C ALA A 215 6.22 0.57 3.28
N MET A 216 5.72 -0.03 2.21
CA MET A 216 4.37 -0.65 2.18
C MET A 216 4.43 -1.91 1.31
N THR A 217 4.28 -3.09 1.92
CA THR A 217 4.31 -4.41 1.22
C THR A 217 3.03 -5.20 1.51
N ASN A 218 2.62 -6.07 0.58
CA ASN A 218 1.53 -7.06 0.82
C ASN A 218 1.90 -8.41 0.24
N GLN A 219 1.42 -9.48 0.86
CA GLN A 219 1.36 -10.85 0.26
C GLN A 219 -0.11 -11.18 0.08
N PRO A 220 -0.53 -11.77 -1.08
CA PRO A 220 0.37 -12.03 -2.22
C PRO A 220 0.74 -10.75 -3.00
N THR A 221 1.82 -10.78 -3.79
CA THR A 221 2.22 -9.72 -4.77
C THR A 221 2.45 -10.40 -6.14
N TYR A 222 2.96 -9.63 -7.09
CA TYR A 222 3.06 -10.04 -8.51
C TYR A 222 4.26 -9.33 -9.11
N ASN A 223 4.79 -9.85 -10.20
CA ASN A 223 5.84 -9.18 -11.02
C ASN A 223 5.16 -8.29 -12.06
N PRO A 224 5.19 -6.95 -11.88
CA PRO A 224 4.53 -6.04 -12.81
C PRO A 224 5.24 -5.99 -14.17
N ASN A 225 6.33 -6.76 -14.33
CA ASN A 225 7.04 -6.87 -15.64
C ASN A 225 6.44 -8.05 -16.39
N ASN A 226 5.66 -8.91 -15.73
CA ASN A 226 4.97 -10.07 -16.35
C ASN A 226 3.52 -9.67 -16.63
N ARG A 227 3.29 -9.03 -17.79
CA ARG A 227 2.01 -8.44 -18.25
C ARG A 227 0.97 -9.50 -18.69
N ARG A 228 1.33 -10.79 -18.76
CA ARG A 228 0.51 -11.81 -19.49
C ARG A 228 -0.49 -12.56 -18.58
N ASN A 229 -0.27 -12.61 -17.26
CA ASN A 229 -1.10 -13.48 -16.37
C ASN A 229 -1.56 -12.73 -15.12
N LEU A 230 -1.89 -11.44 -15.27
CA LEU A 230 -2.41 -10.62 -14.15
C LEU A 230 -3.51 -11.42 -13.46
N GLN A 231 -3.33 -11.77 -12.19
CA GLN A 231 -4.43 -12.30 -11.32
C GLN A 231 -4.89 -11.19 -10.38
N PRO A 232 -6.16 -10.74 -10.49
CA PRO A 232 -6.69 -9.68 -9.64
C PRO A 232 -6.34 -9.78 -8.16
N ALA A 233 -6.37 -10.98 -7.58
CA ALA A 233 -6.10 -11.16 -6.13
C ALA A 233 -4.73 -10.57 -5.81
N ALA A 234 -3.67 -10.96 -6.54
CA ALA A 234 -2.25 -10.74 -6.18
C ALA A 234 -1.85 -9.29 -6.46
N MET A 235 -2.73 -8.52 -7.11
CA MET A 235 -2.50 -7.12 -7.52
C MET A 235 -3.15 -6.15 -6.51
N ARG A 236 -3.80 -6.68 -5.50
CA ARG A 236 -4.49 -5.77 -4.54
C ARG A 236 -3.48 -5.14 -3.60
N ASN A 237 -3.44 -3.81 -3.51
CA ASN A 237 -2.61 -3.12 -2.49
C ASN A 237 -3.35 -3.25 -1.16
N ARG A 238 -3.24 -4.38 -0.48
CA ARG A 238 -4.07 -4.69 0.71
C ARG A 238 -3.98 -3.56 1.76
N ALA A 239 -2.79 -3.04 1.95
CA ALA A 239 -2.51 -1.97 2.95
C ALA A 239 -3.51 -0.82 2.79
N MET A 240 -3.99 -0.53 1.58
CA MET A 240 -4.79 0.70 1.31
C MET A 240 -6.21 0.34 0.85
N ILE A 241 -6.47 -0.91 0.47
CA ILE A 241 -7.82 -1.24 -0.07
C ILE A 241 -8.51 -2.34 0.76
N ASP A 242 -7.83 -3.03 1.68
CA ASP A 242 -8.48 -4.19 2.37
C ASP A 242 -8.70 -3.86 3.85
N VAL A 243 -9.98 -3.59 4.18
CA VAL A 243 -10.44 -3.10 5.52
C VAL A 243 -10.60 -4.29 6.45
N PHE A 244 -10.50 -4.04 7.74
CA PHE A 244 -10.60 -5.05 8.80
C PHE A 244 -10.95 -4.39 10.13
N GLU A 245 -11.42 -5.21 11.07
CA GLU A 245 -11.60 -4.80 12.48
C GLU A 245 -10.23 -4.93 13.13
N PRO A 246 -9.67 -3.80 13.65
CA PRO A 246 -8.34 -3.81 14.24
C PRO A 246 -8.23 -4.48 15.62
N GLY A 247 -9.36 -4.92 16.19
CA GLY A 247 -9.40 -5.55 17.51
C GLY A 247 -8.54 -4.81 18.54
N SER A 248 -7.85 -5.57 19.39
CA SER A 248 -7.19 -4.98 20.55
C SER A 248 -6.12 -3.92 20.28
N THR A 249 -5.75 -3.73 18.99
CA THR A 249 -4.74 -2.75 18.62
C THR A 249 -5.30 -1.33 18.74
N VAL A 250 -6.61 -1.14 18.90
CA VAL A 250 -7.22 0.20 19.20
C VAL A 250 -7.34 0.43 20.70
N LYS A 251 -7.02 -0.53 21.56
CA LYS A 251 -7.14 -0.30 23.03
C LYS A 251 -6.31 0.92 23.45
N PRO A 252 -5.08 1.16 22.93
CA PRO A 252 -4.31 2.36 23.31
C PRO A 252 -5.04 3.69 23.08
N PHE A 253 -5.94 3.75 22.11
CA PHE A 253 -6.81 4.93 21.84
C PHE A 253 -7.93 4.99 22.89
N SER A 254 -8.54 3.85 23.25
CA SER A 254 -9.56 3.79 24.32
C SER A 254 -8.91 4.33 25.60
N MET A 255 -7.65 3.94 25.85
CA MET A 255 -6.92 4.34 27.07
C MET A 255 -6.62 5.86 27.05
N SER A 256 -6.31 6.44 25.89
CA SER A 256 -6.01 7.88 25.75
C SER A 256 -7.28 8.67 26.09
N ALA A 257 -8.44 8.22 25.62
CA ALA A 257 -9.76 8.75 25.98
C ALA A 257 -9.88 8.72 27.51
N ALA A 258 -9.47 7.63 28.17
CA ALA A 258 -9.62 7.42 29.62
C ALA A 258 -8.71 8.38 30.39
N LEU A 259 -7.43 8.42 30.03
CA LEU A 259 -6.45 9.35 30.66
C LEU A 259 -6.83 10.82 30.43
N ALA A 260 -7.45 11.18 29.31
CA ALA A 260 -7.86 12.58 28.99
C ALA A 260 -9.17 12.94 29.72
N SER A 261 -9.97 11.95 30.12
CA SER A 261 -11.29 12.14 30.77
C SER A 261 -11.15 12.88 32.10
N GLY A 262 -10.02 12.73 32.78
CA GLY A 262 -9.82 13.20 34.17
C GLY A 262 -10.29 12.16 35.19
N ARG A 263 -10.75 11.00 34.74
CA ARG A 263 -11.34 9.98 35.63
C ARG A 263 -10.35 8.84 35.92
N TRP A 264 -9.26 8.69 35.15
CA TRP A 264 -8.33 7.52 35.23
C TRP A 264 -6.85 7.93 35.21
N LYS A 265 -6.05 7.23 36.01
CA LYS A 265 -4.57 7.27 35.99
C LYS A 265 -4.08 5.85 35.88
N PRO A 266 -2.83 5.67 35.41
CA PRO A 266 -2.27 4.32 35.16
C PRO A 266 -2.23 3.38 36.36
N SER A 267 -2.10 3.95 37.56
CA SER A 267 -2.11 3.19 38.83
C SER A 267 -3.55 2.86 39.30
N ASP A 268 -4.58 3.42 38.70
CA ASP A 268 -5.99 3.02 39.00
C ASP A 268 -6.17 1.53 38.65
N ILE A 269 -7.15 0.92 39.29
CA ILE A 269 -7.44 -0.53 39.37
C ILE A 269 -8.83 -0.75 38.74
N VAL A 270 -9.00 -1.86 38.03
CA VAL A 270 -10.31 -2.38 37.56
C VAL A 270 -10.39 -3.85 38.02
N ASP A 271 -11.53 -4.28 38.57
CA ASP A 271 -11.78 -5.71 38.92
C ASP A 271 -12.34 -6.38 37.67
N VAL A 272 -11.62 -7.36 37.11
CA VAL A 272 -11.99 -8.06 35.85
C VAL A 272 -12.40 -9.51 36.18
N TYR A 273 -12.59 -9.80 37.46
CA TYR A 273 -13.10 -11.12 37.91
C TYR A 273 -14.55 -11.28 37.45
N PRO A 274 -15.01 -12.44 36.91
CA PRO A 274 -14.19 -13.64 36.68
C PRO A 274 -13.62 -13.88 35.25
N GLY A 275 -13.21 -12.81 34.56
CA GLY A 275 -12.73 -12.90 33.17
C GLY A 275 -13.84 -12.86 32.13
N THR A 276 -15.10 -12.77 32.55
CA THR A 276 -16.25 -12.52 31.64
C THR A 276 -17.15 -11.42 32.23
N LEU A 277 -17.98 -10.80 31.39
CA LEU A 277 -18.96 -9.77 31.78
C LEU A 277 -20.15 -9.86 30.82
N GLN A 278 -21.32 -10.24 31.34
CA GLN A 278 -22.61 -10.30 30.61
C GLN A 278 -23.15 -8.88 30.43
N ILE A 279 -23.62 -8.59 29.22
CA ILE A 279 -24.20 -7.26 28.80
C ILE A 279 -25.44 -7.58 27.99
N GLY A 280 -26.61 -7.65 28.63
CA GLY A 280 -27.82 -8.27 28.04
C GLY A 280 -27.56 -9.70 27.61
N ARG A 281 -27.52 -9.99 26.31
CA ARG A 281 -27.33 -11.37 25.80
C ARG A 281 -25.94 -11.55 25.18
N TYR A 282 -25.06 -10.55 25.33
CA TYR A 282 -23.65 -10.59 24.83
C TYR A 282 -22.74 -10.84 26.04
N THR A 283 -21.68 -11.61 25.85
CA THR A 283 -20.68 -11.90 26.90
C THR A 283 -19.32 -11.37 26.47
N ILE A 284 -18.82 -10.33 27.12
CA ILE A 284 -17.41 -9.86 26.97
C ILE A 284 -16.55 -10.91 27.66
N ARG A 285 -15.49 -11.38 27.02
CA ARG A 285 -14.72 -12.57 27.42
C ARG A 285 -13.23 -12.23 27.30
N ASP A 286 -12.48 -12.53 28.35
CA ASP A 286 -11.01 -12.38 28.39
C ASP A 286 -10.45 -13.74 28.00
N VAL A 287 -9.31 -13.75 27.32
CA VAL A 287 -8.60 -15.00 26.90
C VAL A 287 -8.08 -15.70 28.15
N SER A 288 -7.44 -14.96 29.04
CA SER A 288 -6.93 -15.46 30.33
C SER A 288 -7.86 -14.95 31.44
N ARG A 289 -8.33 -15.84 32.33
CA ARG A 289 -9.41 -15.49 33.27
C ARG A 289 -9.04 -15.86 34.71
N ASN A 290 -7.79 -15.57 35.09
CA ASN A 290 -7.28 -15.81 36.46
C ASN A 290 -6.81 -14.47 37.04
N SER A 291 -7.61 -13.41 36.84
CA SER A 291 -7.31 -12.04 37.30
C SER A 291 -8.49 -11.51 38.12
N ARG A 292 -8.19 -10.62 39.06
CA ARG A 292 -9.22 -9.83 39.78
C ARG A 292 -8.80 -8.38 39.57
N GLN A 293 -7.99 -7.83 40.46
CA GLN A 293 -7.52 -6.43 40.32
C GLN A 293 -6.38 -6.35 39.30
N LEU A 294 -6.57 -5.50 38.29
CA LEU A 294 -5.56 -5.11 37.26
C LEU A 294 -5.41 -3.58 37.26
N ASP A 295 -4.17 -3.11 37.17
CA ASP A 295 -3.85 -1.68 36.91
C ASP A 295 -4.01 -1.42 35.41
N LEU A 296 -4.14 -0.16 35.00
CA LEU A 296 -4.53 0.17 33.61
C LEU A 296 -3.46 -0.40 32.68
N THR A 297 -2.21 -0.32 33.11
CA THR A 297 -1.04 -0.91 32.39
C THR A 297 -1.22 -2.43 32.25
N GLY A 298 -1.63 -3.09 33.31
CA GLY A 298 -1.91 -4.55 33.31
C GLY A 298 -2.99 -4.92 32.31
N ILE A 299 -4.08 -4.17 32.26
CA ILE A 299 -5.17 -4.33 31.26
C ILE A 299 -4.62 -4.37 29.82
N LEU A 300 -3.62 -3.54 29.50
CA LEU A 300 -2.96 -3.51 28.17
C LEU A 300 -2.01 -4.72 28.02
N ILE A 301 -1.24 -5.06 29.06
CA ILE A 301 -0.25 -6.18 29.03
C ILE A 301 -0.99 -7.52 28.90
N LYS A 302 -2.12 -7.67 29.61
CA LYS A 302 -2.91 -8.93 29.62
C LYS A 302 -3.96 -8.88 28.51
N SER A 303 -4.15 -7.69 27.94
CA SER A 303 -5.19 -7.35 26.93
C SER A 303 -6.58 -7.77 27.44
N SER A 304 -7.00 -7.20 28.55
CA SER A 304 -8.30 -7.56 29.16
C SER A 304 -9.40 -6.79 28.45
N ASN A 305 -10.31 -7.52 27.77
CA ASN A 305 -11.49 -6.95 27.07
C ASN A 305 -12.43 -6.40 28.14
N VAL A 306 -12.69 -7.18 29.18
CA VAL A 306 -13.53 -6.75 30.33
C VAL A 306 -12.96 -5.45 30.91
N GLY A 307 -11.65 -5.41 31.13
CA GLY A 307 -10.95 -4.25 31.73
C GLY A 307 -11.19 -2.97 30.94
N ILE A 308 -10.83 -2.97 29.66
CA ILE A 308 -11.11 -1.82 28.76
C ILE A 308 -12.64 -1.56 28.67
N SER A 309 -13.50 -2.59 28.68
CA SER A 309 -14.96 -2.38 28.54
C SER A 309 -15.44 -1.57 29.76
N LYS A 310 -14.94 -1.88 30.96
CA LYS A 310 -15.42 -1.25 32.21
C LYS A 310 -15.02 0.23 32.17
N ILE A 311 -13.80 0.49 31.72
CA ILE A 311 -13.27 1.86 31.61
C ILE A 311 -14.17 2.57 30.60
N ALA A 312 -14.53 1.90 29.50
CA ALA A 312 -15.41 2.47 28.46
C ALA A 312 -16.79 2.81 29.04
N PHE A 313 -17.34 1.99 29.94
CA PHE A 313 -18.69 2.25 30.51
C PHE A 313 -18.68 3.53 31.36
N ASP A 314 -17.56 3.76 32.05
CA ASP A 314 -17.28 4.93 32.90
C ASP A 314 -17.08 6.24 32.12
N ILE A 315 -16.37 6.23 30.98
CA ILE A 315 -15.96 7.52 30.33
C ILE A 315 -16.94 7.84 29.20
N GLY A 316 -17.63 6.83 28.68
CA GLY A 316 -18.58 6.99 27.57
C GLY A 316 -17.95 6.66 26.23
N ALA A 317 -18.75 6.13 25.31
CA ALA A 317 -18.28 5.77 23.96
C ALA A 317 -17.87 7.06 23.21
N GLU A 318 -18.57 8.20 23.40
CA GLU A 318 -18.32 9.48 22.68
C GLU A 318 -16.84 9.87 22.79
N SER A 319 -16.27 9.82 23.98
CA SER A 319 -14.86 10.20 24.23
C SER A 319 -13.96 9.26 23.42
N ILE A 320 -14.30 7.98 23.32
CA ILE A 320 -13.49 6.95 22.59
C ILE A 320 -13.67 7.14 21.08
N TYR A 321 -14.91 7.25 20.60
CA TYR A 321 -15.18 7.58 19.17
C TYR A 321 -14.35 8.82 18.74
N SER A 322 -14.25 9.83 19.58
CA SER A 322 -13.64 11.13 19.20
C SER A 322 -12.12 10.97 19.07
N VAL A 323 -11.49 10.14 19.91
CA VAL A 323 -10.04 9.82 19.79
C VAL A 323 -9.80 9.08 18.47
N MET A 324 -10.56 8.03 18.21
CA MET A 324 -10.34 7.18 17.02
C MET A 324 -10.59 8.01 15.77
N GLN A 325 -11.53 8.96 15.86
CA GLN A 325 -11.89 9.89 14.75
C GLN A 325 -10.73 10.84 14.49
N GLN A 326 -10.22 11.46 15.55
CA GLN A 326 -9.11 12.46 15.55
C GLN A 326 -7.82 11.84 15.01
N VAL A 327 -7.55 10.56 15.27
CA VAL A 327 -6.31 9.89 14.79
C VAL A 327 -6.48 9.26 13.40
N GLY A 328 -7.69 9.27 12.82
CA GLY A 328 -7.92 8.96 11.40
C GLY A 328 -8.50 7.56 11.16
N LEU A 329 -8.90 6.84 12.19
CA LEU A 329 -9.51 5.51 11.99
C LEU A 329 -10.83 5.68 11.21
N GLY A 330 -10.91 5.02 10.06
CA GLY A 330 -12.13 5.02 9.21
C GLY A 330 -12.44 6.39 8.65
N GLN A 331 -11.40 7.22 8.51
CA GLN A 331 -11.50 8.60 7.99
C GLN A 331 -10.70 8.66 6.68
N ASP A 332 -10.93 9.68 5.85
CA ASP A 332 -10.21 9.84 4.56
C ASP A 332 -8.71 10.00 4.86
N THR A 333 -7.81 9.33 4.12
CA THR A 333 -6.33 9.45 4.34
C THR A 333 -5.76 10.69 3.61
N GLY A 334 -6.51 11.22 2.64
CA GLY A 334 -6.11 12.35 1.79
C GLY A 334 -5.16 11.93 0.69
N LEU A 335 -4.88 10.63 0.52
CA LEU A 335 -3.75 10.20 -0.34
C LEU A 335 -4.20 10.15 -1.79
N GLY A 336 -5.51 10.20 -2.05
CA GLY A 336 -6.06 10.36 -3.42
C GLY A 336 -5.71 9.18 -4.34
N PHE A 337 -5.36 8.01 -3.79
CA PHE A 337 -5.31 6.72 -4.54
C PHE A 337 -6.76 6.33 -4.85
N PRO A 338 -7.17 6.31 -6.14
CA PRO A 338 -8.53 5.91 -6.49
C PRO A 338 -8.74 4.43 -6.08
N GLY A 339 -9.97 4.07 -5.68
CA GLY A 339 -10.33 2.74 -5.15
C GLY A 339 -9.81 2.51 -3.73
N GLU A 340 -9.06 3.45 -3.17
CA GLU A 340 -8.63 3.42 -1.74
C GLU A 340 -9.88 3.41 -0.85
N ARG A 341 -10.07 2.34 -0.05
CA ARG A 341 -11.21 2.18 0.90
C ARG A 341 -10.89 2.96 2.19
N VAL A 342 -11.90 3.58 2.79
CA VAL A 342 -11.75 4.47 3.99
C VAL A 342 -12.19 3.68 5.22
N GLY A 343 -12.82 2.52 5.01
CA GLY A 343 -13.46 1.73 6.08
C GLY A 343 -14.57 2.53 6.74
N ASN A 344 -14.77 2.38 8.04
CA ASN A 344 -15.97 2.98 8.66
C ASN A 344 -15.81 3.01 10.18
N LEU A 345 -16.23 4.13 10.76
CA LEU A 345 -16.32 4.37 12.22
C LEU A 345 -17.79 4.59 12.54
N PRO A 346 -18.48 3.63 13.20
CA PRO A 346 -19.91 3.74 13.41
C PRO A 346 -20.16 4.90 14.37
N ASN A 347 -21.20 5.70 14.15
CA ASN A 347 -21.59 6.77 15.12
C ASN A 347 -22.98 6.50 15.67
N HIS A 348 -23.24 6.95 16.92
CA HIS A 348 -24.55 6.89 17.61
C HIS A 348 -24.86 8.23 18.27
N ARG A 349 -26.14 8.59 18.37
CA ARG A 349 -26.56 9.66 19.29
C ARG A 349 -26.61 9.05 20.69
N LYS A 350 -27.28 7.91 20.87
CA LYS A 350 -27.22 7.12 22.13
C LYS A 350 -26.48 5.79 21.90
N TRP A 351 -25.31 5.62 22.52
CA TRP A 351 -24.43 4.42 22.43
C TRP A 351 -24.93 3.32 23.37
N PRO A 352 -25.53 2.22 22.87
CA PRO A 352 -25.97 1.12 23.73
C PRO A 352 -24.73 0.49 24.35
N LYS A 353 -24.89 -0.19 25.48
CA LYS A 353 -23.74 -0.74 26.25
C LYS A 353 -22.93 -1.67 25.35
N ALA A 354 -23.57 -2.47 24.49
CA ALA A 354 -22.85 -3.52 23.75
C ALA A 354 -21.89 -2.86 22.76
N GLU A 355 -22.34 -1.84 22.04
CA GLU A 355 -21.54 -1.15 21.01
C GLU A 355 -20.37 -0.42 21.68
N THR A 356 -20.61 0.17 22.86
CA THR A 356 -19.61 0.90 23.67
C THR A 356 -18.42 -0.03 23.99
N ALA A 357 -18.68 -1.26 24.47
CA ALA A 357 -17.64 -2.24 24.84
C ALA A 357 -16.84 -2.70 23.60
N THR A 358 -17.51 -3.18 22.54
CA THR A 358 -16.85 -3.67 21.30
C THR A 358 -16.00 -2.56 20.64
N LEU A 359 -16.48 -1.32 20.55
CA LEU A 359 -15.62 -0.19 20.07
C LEU A 359 -14.31 -0.21 20.87
N ALA A 360 -14.41 -0.36 22.21
CA ALA A 360 -13.28 -0.12 23.12
C ALA A 360 -12.19 -1.12 22.79
N TYR A 361 -12.56 -2.35 22.40
CA TYR A 361 -11.59 -3.40 22.02
C TYR A 361 -11.62 -3.73 20.53
N GLY A 362 -12.12 -2.82 19.70
CA GLY A 362 -11.88 -2.78 18.25
C GLY A 362 -12.79 -3.72 17.44
N TYR A 363 -14.07 -3.80 17.75
CA TYR A 363 -15.04 -4.47 16.85
C TYR A 363 -16.09 -3.42 16.46
N GLY A 364 -16.71 -3.67 15.30
CA GLY A 364 -17.72 -2.77 14.72
C GLY A 364 -17.11 -1.50 14.15
N LEU A 365 -15.79 -1.41 14.03
CA LEU A 365 -15.18 -0.41 13.14
C LEU A 365 -14.32 -1.18 12.13
N SER A 366 -14.17 -0.59 10.94
CA SER A 366 -13.34 -1.14 9.84
C SER A 366 -12.31 -0.09 9.46
N VAL A 367 -11.04 -0.49 9.49
CA VAL A 367 -9.88 0.39 9.14
C VAL A 367 -8.98 -0.37 8.16
N THR A 368 -8.02 0.33 7.59
CA THR A 368 -6.93 -0.22 6.77
C THR A 368 -5.64 -0.22 7.56
N ALA A 369 -4.66 -0.98 7.10
CA ALA A 369 -3.31 -0.98 7.68
C ALA A 369 -2.69 0.43 7.57
N ILE A 370 -2.94 1.20 6.53
CA ILE A 370 -2.29 2.56 6.48
C ILE A 370 -2.92 3.47 7.54
N GLN A 371 -4.23 3.36 7.78
CA GLN A 371 -4.90 4.22 8.81
C GLN A 371 -4.31 3.90 10.19
N LEU A 372 -4.14 2.61 10.46
CA LEU A 372 -3.72 2.11 11.79
C LEU A 372 -2.31 2.61 12.04
N ALA A 373 -1.43 2.45 11.03
CA ALA A 373 -0.02 2.87 11.11
C ALA A 373 -0.02 4.37 11.38
N HIS A 374 -0.89 5.14 10.70
CA HIS A 374 -0.98 6.63 10.84
C HIS A 374 -1.47 7.07 12.25
N ALA A 375 -2.40 6.34 12.86
CA ALA A 375 -2.86 6.58 14.25
C ALA A 375 -1.70 6.31 15.23
N TYR A 376 -1.03 5.18 15.06
CA TYR A 376 0.13 4.79 15.88
C TYR A 376 1.27 5.82 15.71
N ALA A 377 1.39 6.43 14.54
CA ALA A 377 2.44 7.46 14.28
C ALA A 377 2.08 8.74 15.05
N ALA A 378 0.81 9.08 15.10
CA ALA A 378 0.31 10.26 15.85
C ALA A 378 0.50 10.04 17.35
N LEU A 379 0.26 8.82 17.88
CA LEU A 379 0.55 8.48 19.30
C LEU A 379 2.04 8.57 19.61
N ALA A 380 2.92 8.04 18.75
CA ALA A 380 4.37 7.94 18.98
C ALA A 380 5.02 9.35 18.91
N ASN A 381 4.53 10.22 18.04
CA ASN A 381 5.00 11.62 17.84
C ASN A 381 4.26 12.57 18.80
N ASP A 382 4.13 12.18 20.08
CA ASP A 382 3.55 12.97 21.20
C ASP A 382 2.15 13.49 20.86
N GLY A 383 1.35 12.68 20.19
CA GLY A 383 -0.07 12.97 20.02
C GLY A 383 -0.34 13.93 18.89
N LYS A 384 0.68 14.22 18.09
CA LYS A 384 0.58 15.08 16.89
C LYS A 384 0.57 14.23 15.60
N SER A 385 -0.53 14.32 14.86
CA SER A 385 -0.73 13.66 13.54
C SER A 385 -0.19 14.53 12.38
N VAL A 386 0.92 14.12 11.75
CA VAL A 386 1.52 14.71 10.50
C VAL A 386 0.81 14.08 9.30
N PRO A 387 0.45 14.89 8.29
CA PRO A 387 -0.26 14.36 7.12
C PRO A 387 0.54 13.29 6.38
N LEU A 388 -0.11 12.17 6.09
CA LEU A 388 0.42 10.99 5.35
C LEU A 388 1.00 11.48 4.01
N SER A 389 2.09 10.86 3.57
CA SER A 389 2.72 11.15 2.25
C SER A 389 3.38 9.88 1.67
N MET A 390 3.17 9.65 0.36
CA MET A 390 3.73 8.51 -0.38
C MET A 390 4.82 9.02 -1.30
N THR A 391 5.09 10.32 -1.25
CA THR A 391 6.22 10.99 -1.94
C THR A 391 7.16 11.70 -0.97
N ARG A 392 8.41 11.87 -1.38
CA ARG A 392 9.47 12.36 -0.46
C ARG A 392 9.01 13.73 0.08
N VAL A 393 9.20 13.95 1.38
CA VAL A 393 8.88 15.23 2.06
C VAL A 393 10.21 15.90 2.39
N ASP A 394 10.45 17.06 1.76
CA ASP A 394 11.66 17.89 2.02
C ASP A 394 11.31 18.95 3.08
N ARG A 395 10.12 19.53 2.96
CA ARG A 395 9.53 20.54 3.88
C ARG A 395 8.32 19.90 4.55
N VAL A 396 8.42 19.56 5.83
CA VAL A 396 7.33 18.82 6.52
C VAL A 396 6.19 19.81 6.69
N PRO A 397 4.93 19.48 6.33
CA PRO A 397 3.80 20.31 6.72
C PRO A 397 3.55 20.31 8.25
N ASP A 398 2.83 21.32 8.75
CA ASP A 398 2.33 21.39 10.15
C ASP A 398 1.41 20.21 10.45
N GLY A 399 1.71 19.50 11.54
CA GLY A 399 0.87 18.44 12.13
C GLY A 399 -0.26 19.05 12.94
N VAL A 400 -1.24 18.23 13.30
CA VAL A 400 -2.36 18.61 14.21
C VAL A 400 -2.19 17.88 15.53
N GLN A 401 -2.29 18.59 16.66
CA GLN A 401 -2.33 17.92 17.97
C GLN A 401 -3.67 17.19 18.09
N VAL A 402 -3.68 15.86 18.17
CA VAL A 402 -4.95 15.07 18.18
C VAL A 402 -5.12 14.38 19.54
N ILE A 403 -4.03 14.10 20.26
CA ILE A 403 -4.01 13.64 21.68
C ILE A 403 -3.08 14.59 22.45
N SER A 404 -3.45 15.04 23.64
CA SER A 404 -2.57 15.92 24.48
C SER A 404 -1.20 15.27 24.60
N PRO A 405 -0.09 16.06 24.57
CA PRO A 405 1.26 15.48 24.63
C PRO A 405 1.54 14.63 25.88
N GLU A 406 0.98 15.02 27.02
CA GLU A 406 1.18 14.32 28.32
C GLU A 406 0.50 12.94 28.29
N VAL A 407 -0.76 12.88 27.87
CA VAL A 407 -1.52 11.61 27.63
C VAL A 407 -0.77 10.73 26.62
N ALA A 408 -0.26 11.28 25.52
CA ALA A 408 0.36 10.47 24.44
C ALA A 408 1.62 9.84 25.03
N SER A 409 2.39 10.64 25.77
CA SER A 409 3.63 10.22 26.47
C SER A 409 3.30 9.12 27.48
N THR A 410 2.20 9.25 28.24
CA THR A 410 1.82 8.24 29.26
C THR A 410 1.45 6.93 28.55
N VAL A 411 0.63 6.99 27.51
CA VAL A 411 0.24 5.75 26.76
C VAL A 411 1.50 5.11 26.13
N GLN A 412 2.42 5.90 25.57
CA GLN A 412 3.73 5.42 25.02
C GLN A 412 4.46 4.55 26.04
N GLY A 413 4.54 5.02 27.29
CA GLY A 413 5.20 4.28 28.38
C GLY A 413 4.47 2.96 28.64
N MET A 414 3.14 2.99 28.69
CA MET A 414 2.33 1.77 28.95
C MET A 414 2.62 0.77 27.84
N LEU A 415 2.74 1.25 26.60
CA LEU A 415 3.02 0.38 25.42
C LEU A 415 4.47 -0.16 25.45
N GLN A 416 5.42 0.53 26.07
CA GLN A 416 6.80 -0.04 26.22
C GLN A 416 6.75 -1.20 27.24
N GLN A 417 5.99 -1.07 28.32
CA GLN A 417 5.74 -2.18 29.29
C GLN A 417 5.01 -3.32 28.60
N VAL A 418 4.13 -3.08 27.61
CA VAL A 418 3.37 -4.20 26.96
C VAL A 418 4.41 -5.14 26.32
N VAL A 419 5.46 -4.54 25.79
CA VAL A 419 6.58 -5.23 25.10
C VAL A 419 7.60 -5.74 26.15
N GLU A 420 7.90 -4.97 27.18
CA GLU A 420 9.08 -5.24 28.07
C GLU A 420 8.70 -5.99 29.34
N ALA A 421 7.45 -5.87 29.83
CA ALA A 421 7.08 -6.31 31.20
C ALA A 421 6.86 -7.83 31.23
N GLN A 422 7.06 -8.49 32.38
CA GLN A 422 6.68 -9.91 32.62
C GLN A 422 5.26 -10.13 32.08
N GLY A 423 5.08 -11.15 31.26
CA GLY A 423 3.76 -11.58 30.76
C GLY A 423 3.34 -10.85 29.49
N GLY A 424 4.12 -9.89 29.01
CA GLY A 424 3.76 -9.05 27.84
C GLY A 424 4.15 -9.69 26.53
N VAL A 425 4.26 -8.90 25.46
CA VAL A 425 4.54 -9.38 24.08
C VAL A 425 6.05 -9.39 23.85
N PHE A 426 6.79 -10.30 24.48
CA PHE A 426 8.27 -10.23 24.49
C PHE A 426 8.82 -10.45 23.09
N ARG A 427 8.10 -11.17 22.23
CA ARG A 427 8.56 -11.44 20.85
C ARG A 427 8.71 -10.13 20.05
N ALA A 428 8.11 -9.01 20.48
CA ALA A 428 8.18 -7.71 19.79
C ALA A 428 9.42 -6.93 20.20
N GLN A 429 10.20 -7.44 21.13
CA GLN A 429 11.41 -6.77 21.67
C GLN A 429 12.47 -6.66 20.56
N VAL A 430 13.05 -5.46 20.41
CA VAL A 430 14.03 -5.15 19.33
C VAL A 430 15.38 -5.05 20.02
N PRO A 431 16.24 -6.11 20.02
CA PRO A 431 17.49 -6.09 20.79
C PRO A 431 18.37 -4.86 20.50
N GLY A 432 18.79 -4.18 21.56
CA GLY A 432 19.57 -2.91 21.52
C GLY A 432 18.68 -1.69 21.66
N TYR A 433 17.36 -1.88 21.52
CA TYR A 433 16.35 -0.79 21.60
C TYR A 433 15.19 -1.12 22.54
N HIS A 434 14.62 -0.04 23.09
CA HIS A 434 13.26 0.03 23.66
C HIS A 434 12.25 0.17 22.51
N ALA A 435 11.37 -0.83 22.40
CA ALA A 435 10.21 -0.92 21.49
C ALA A 435 8.89 -0.79 22.29
N ALA A 436 7.84 -0.35 21.63
CA ALA A 436 6.51 -0.15 22.24
C ALA A 436 5.42 -0.57 21.25
N GLY A 437 4.34 -1.18 21.72
CA GLY A 437 3.12 -1.31 20.91
C GLY A 437 2.17 -2.29 21.51
N LYS A 438 1.33 -2.89 20.69
CA LYS A 438 0.16 -3.67 21.17
C LYS A 438 -0.19 -4.74 20.16
N SER A 439 -0.43 -5.98 20.64
CA SER A 439 -0.92 -7.13 19.84
C SER A 439 -2.45 -7.05 19.68
N GLY A 440 -2.95 -7.68 18.64
CA GLY A 440 -4.38 -8.01 18.49
C GLY A 440 -4.50 -9.33 17.77
N THR A 441 -5.73 -9.83 17.75
CA THR A 441 -6.17 -11.11 17.16
C THR A 441 -7.69 -11.00 17.04
N ALA A 442 -8.20 -10.90 15.81
CA ALA A 442 -9.61 -10.66 15.50
C ALA A 442 -10.17 -11.92 14.87
N ARG A 443 -11.30 -12.39 15.38
CA ARG A 443 -12.18 -13.36 14.67
C ARG A 443 -12.73 -12.63 13.45
N LYS A 444 -12.49 -13.16 12.24
CA LYS A 444 -12.99 -12.54 10.98
C LYS A 444 -14.47 -12.85 10.81
N ASN A 455 -13.17 -21.55 12.33
CA ASN A 455 -12.45 -20.51 13.13
C ASN A 455 -11.16 -20.12 12.40
N ALA A 456 -11.12 -18.90 11.90
CA ALA A 456 -9.92 -18.28 11.28
C ALA A 456 -9.77 -16.85 11.81
N TYR A 457 -8.53 -16.37 11.80
CA TYR A 457 -8.12 -15.19 12.58
C TYR A 457 -7.35 -14.23 11.68
N ARG A 458 -7.21 -13.04 12.19
CA ARG A 458 -6.31 -12.00 11.66
C ARG A 458 -5.35 -11.64 12.81
N SER A 459 -4.04 -11.81 12.60
CA SER A 459 -2.93 -11.63 13.57
C SER A 459 -2.27 -10.26 13.36
N LEU A 460 -2.42 -9.38 14.36
CA LEU A 460 -2.02 -7.95 14.28
C LEU A 460 -0.95 -7.67 15.32
N PHE A 461 0.08 -6.92 14.93
CA PHE A 461 0.93 -6.18 15.89
C PHE A 461 1.16 -4.76 15.36
N ALA A 462 0.96 -3.76 16.23
CA ALA A 462 1.20 -2.33 15.92
C ALA A 462 2.09 -1.72 16.98
N GLY A 463 3.10 -0.93 16.56
CA GLY A 463 4.00 -0.25 17.49
C GLY A 463 4.90 0.77 16.83
N PHE A 464 6.01 1.07 17.51
CA PHE A 464 6.96 2.15 17.19
C PHE A 464 8.17 2.07 18.11
N ALA A 465 9.25 2.74 17.70
CA ALA A 465 10.60 2.64 18.27
C ALA A 465 11.45 3.79 17.72
N PRO A 466 12.56 4.20 18.40
CA PRO A 466 12.86 3.79 19.77
C PRO A 466 11.91 4.46 20.77
N ALA A 467 11.53 3.77 21.85
CA ALA A 467 10.56 4.31 22.84
C ALA A 467 11.06 5.64 23.41
N THR A 468 12.38 5.85 23.53
CA THR A 468 12.98 7.02 24.23
C THR A 468 12.85 8.27 23.33
N ASP A 469 12.71 8.07 22.02
CA ASP A 469 12.58 9.15 21.01
C ASP A 469 12.07 8.53 19.71
N PRO A 470 10.75 8.30 19.59
CA PRO A 470 10.19 7.50 18.50
C PRO A 470 10.52 8.06 17.11
N ARG A 471 10.85 7.16 16.17
CA ARG A 471 11.19 7.53 14.76
C ARG A 471 10.25 6.80 13.80
N ILE A 472 9.96 5.53 14.06
CA ILE A 472 9.22 4.64 13.12
C ILE A 472 7.98 4.12 13.82
N ALA A 473 6.82 4.13 13.13
CA ALA A 473 5.61 3.35 13.48
C ALA A 473 5.50 2.22 12.48
N MET A 474 5.01 1.08 12.92
CA MET A 474 4.87 -0.09 12.03
C MET A 474 3.61 -0.87 12.40
N VAL A 475 2.85 -1.27 11.38
CA VAL A 475 1.76 -2.27 11.46
C VAL A 475 2.18 -3.51 10.67
N VAL A 476 2.06 -4.71 11.28
CA VAL A 476 2.11 -6.08 10.66
C VAL A 476 0.75 -6.77 10.83
N VAL A 477 0.06 -7.10 9.72
CA VAL A 477 -1.26 -7.80 9.71
C VAL A 477 -1.12 -9.08 8.88
N ILE A 478 -1.51 -10.23 9.43
CA ILE A 478 -1.38 -11.54 8.72
C ILE A 478 -2.71 -12.28 8.82
N ASP A 479 -3.26 -12.66 7.67
CA ASP A 479 -4.64 -13.19 7.56
C ASP A 479 -4.58 -14.71 7.51
N GLU A 480 -5.10 -15.40 8.53
CA GLU A 480 -5.39 -16.87 8.61
C GLU A 480 -4.07 -17.66 8.63
N PRO A 481 -3.26 -17.51 9.70
CA PRO A 481 -2.14 -18.39 9.95
C PRO A 481 -2.75 -19.75 10.19
N SER A 482 -2.17 -20.82 9.66
CA SER A 482 -2.73 -22.19 9.79
C SER A 482 -1.87 -23.08 10.69
N LYS A 483 -0.72 -22.62 11.23
CA LYS A 483 -0.01 -23.35 12.34
C LYS A 483 -0.76 -23.12 13.66
N ALA A 484 -0.34 -23.81 14.72
CA ALA A 484 -1.12 -23.95 15.99
C ALA A 484 -1.20 -22.61 16.72
N GLY A 485 -0.16 -21.76 16.58
CA GLY A 485 -0.08 -20.39 17.10
C GLY A 485 -0.70 -19.39 16.14
N TYR A 486 -1.69 -18.61 16.58
CA TYR A 486 -2.45 -17.63 15.74
C TYR A 486 -2.58 -16.26 16.42
N PHE A 487 -2.33 -16.15 17.74
CA PHE A 487 -2.28 -14.86 18.45
C PHE A 487 -1.32 -13.93 17.71
N GLY A 488 -1.72 -12.66 17.56
CA GLY A 488 -0.87 -11.59 17.02
C GLY A 488 0.49 -11.52 17.70
N GLY A 489 0.55 -11.79 19.01
CA GLY A 489 1.79 -11.76 19.80
C GLY A 489 2.80 -12.82 19.41
N LEU A 490 2.34 -13.90 18.79
CA LEU A 490 3.16 -15.09 18.40
C LEU A 490 3.55 -15.00 16.92
N VAL A 491 2.64 -14.50 16.08
CA VAL A 491 2.70 -14.51 14.60
C VAL A 491 3.20 -13.17 14.03
N SER A 492 2.74 -12.02 14.49
CA SER A 492 3.07 -10.70 13.91
C SER A 492 4.19 -9.99 14.68
N ALA A 493 4.25 -10.17 16.00
CA ALA A 493 5.23 -9.48 16.87
C ALA A 493 6.63 -9.78 16.35
N PRO A 494 7.00 -11.05 16.04
CA PRO A 494 8.38 -11.34 15.69
C PRO A 494 8.76 -10.66 14.36
N VAL A 495 7.79 -10.52 13.45
CA VAL A 495 7.99 -9.82 12.14
C VAL A 495 8.34 -8.35 12.42
N PHE A 496 7.52 -7.69 13.25
CA PHE A 496 7.69 -6.27 13.68
C PHE A 496 9.11 -6.10 14.26
N SER A 497 9.54 -7.08 15.07
CA SER A 497 10.87 -7.15 15.74
C SER A 497 11.98 -7.18 14.68
N LYS A 498 11.92 -8.19 13.81
CA LYS A 498 12.94 -8.44 12.77
C LYS A 498 13.05 -7.20 11.88
N VAL A 499 11.91 -6.65 11.45
CA VAL A 499 11.91 -5.54 10.47
C VAL A 499 12.35 -4.30 11.21
N MET A 500 11.93 -4.13 12.46
CA MET A 500 12.33 -2.95 13.23
C MET A 500 13.86 -2.95 13.46
N ALA A 501 14.49 -4.06 13.82
CA ALA A 501 15.96 -4.13 14.06
C ALA A 501 16.68 -3.57 12.81
N GLY A 502 16.41 -4.17 11.64
CA GLY A 502 16.92 -3.73 10.33
C GLY A 502 16.60 -2.28 9.99
N ALA A 503 15.34 -1.84 10.09
CA ALA A 503 14.90 -0.50 9.64
C ALA A 503 15.64 0.59 10.44
N LEU A 504 15.76 0.43 11.76
CA LEU A 504 16.44 1.42 12.63
C LEU A 504 17.94 1.47 12.26
N ARG A 505 18.57 0.30 12.02
CA ARG A 505 20.02 0.19 11.74
C ARG A 505 20.23 0.80 10.34
N LEU A 506 19.36 0.50 9.36
CA LEU A 506 19.49 1.08 7.99
C LEU A 506 19.32 2.60 8.08
N MET A 507 18.55 3.12 9.05
CA MET A 507 18.40 4.59 9.26
C MET A 507 19.48 5.18 10.22
N ASN A 508 20.48 4.40 10.65
CA ASN A 508 21.56 4.90 11.55
C ASN A 508 20.95 5.58 12.79
N VAL A 509 19.84 5.05 13.26
CA VAL A 509 19.21 5.36 14.57
C VAL A 509 20.05 4.71 15.67
N PRO A 510 20.62 5.49 16.61
CA PRO A 510 21.53 4.93 17.62
C PRO A 510 20.76 4.01 18.57
N PRO A 511 21.24 2.79 18.87
CA PRO A 511 20.58 1.92 19.83
C PRO A 511 20.40 2.64 21.17
N ASP A 512 19.20 2.57 21.73
CA ASP A 512 18.81 3.34 22.94
C ASP A 512 18.63 2.48 24.18
N ASN A 513 18.98 1.20 24.13
CA ASN A 513 18.87 0.37 25.36
C ASN A 513 20.24 0.46 26.03
N LEU A 514 20.48 1.58 26.73
CA LEU A 514 21.76 1.98 27.38
C LEU A 514 21.54 2.18 28.89
N PRO A 515 22.61 2.26 29.71
CA PRO A 515 22.50 2.61 31.12
C PRO A 515 21.76 3.93 31.43
C1 GOL B . -5.20 -5.92 5.74
O1 GOL B . -4.40 -4.91 5.14
C2 GOL B . -5.05 -7.25 5.04
O2 GOL B . -6.17 -8.08 5.35
C3 GOL B . -3.78 -7.99 5.36
O3 GOL B . -3.07 -8.32 4.17
C7 XT8 C . -7.86 -8.25 21.12
O8 XT8 C . -7.51 -8.42 19.97
C6 XT8 C . -8.47 -9.34 21.96
C5 XT8 C . -7.42 -9.75 22.97
S1 XT8 C . -7.34 -11.49 23.35
C2 XT8 C . -5.75 -11.76 22.62
C10 XT8 C . -4.71 -11.87 23.73
C9 XT8 C . -5.72 -12.99 21.73
C3 XT8 C . -5.51 -10.51 21.73
C11 XT8 C . -4.07 -10.31 21.43
O12 XT8 C . -3.53 -9.42 22.09
O13 XT8 C . -3.44 -11.00 20.57
N4 XT8 C . -6.08 -9.34 22.44
N14 XT8 C . -8.93 -10.40 21.10
C15 XT8 C . -10.02 -11.11 21.35
O16 XT8 C . -10.69 -10.83 22.34
C17 XT8 C . -10.43 -12.17 20.33
C33 XT8 C . -11.92 -12.27 20.39
O33 XT8 C . -12.58 -11.33 19.89
O32 XT8 C . -12.45 -13.15 21.05
C28 XT8 C . -9.65 -13.42 20.46
C32 XT8 C . -9.05 -13.95 19.33
S31 XT8 C . -8.18 -15.36 19.81
C30 XT8 C . -8.64 -15.24 21.48
C29 XT8 C . -9.45 -14.11 21.68
CA CA D . 8.61 12.14 22.75
#